data_2DVR
#
_entry.id   2DVR
#
_cell.length_a   113.533
_cell.length_b   55.238
_cell.length_c   67.735
_cell.angle_alpha   90.00
_cell.angle_beta   93.92
_cell.angle_gamma   90.00
#
_symmetry.space_group_name_H-M   'C 1 2 1'
#
loop_
_entity.id
_entity.type
_entity.pdbx_description
1 polymer 'bromodomain-containing protein 2'
2 polymer 'histone H4'
3 water water
#
loop_
_entity_poly.entity_id
_entity_poly.type
_entity_poly.pdbx_seq_one_letter_code
_entity_poly.pdbx_strand_id
1 'polypeptide(L)'
;GRVTNQLQYLHKVV(MSE)KALWKHQFAWPFRQPVDAVKLGLPDYHKIIKQP(MSE)D(MSE)GTIKRRLENNYYWAASE
C(MSE)QDFNT(MSE)FTNCYIYNKPTDDIVL(MSE)AQTLEKIFLQKVAS(MSE)PQEEQELVVTIPKN
;
A,B,C
2 'polypeptide(L)' SGRG(ALY)GGKGLG(ALY)GGA P,Q
#
# COMPACT_ATOMS: atom_id res chain seq x y z
N GLY A 1 13.43 -5.76 16.94
CA GLY A 1 14.85 -6.02 16.54
C GLY A 1 15.15 -7.13 15.56
N ARG A 2 15.37 -6.75 14.31
CA ARG A 2 15.82 -7.65 13.24
C ARG A 2 16.70 -6.89 12.22
N VAL A 3 17.57 -7.63 11.53
CA VAL A 3 18.07 -7.21 10.22
C VAL A 3 17.34 -8.03 9.12
N THR A 4 16.69 -7.34 8.17
CA THR A 4 16.12 -7.97 6.97
C THR A 4 16.71 -7.33 5.69
N ASN A 5 16.51 -7.99 4.55
CA ASN A 5 16.97 -7.42 3.28
C ASN A 5 16.22 -6.14 2.86
N GLN A 6 14.96 -6.01 3.25
CA GLN A 6 14.17 -4.83 2.96
C GLN A 6 14.59 -3.67 3.87
N LEU A 7 14.91 -3.98 5.13
CA LEU A 7 15.45 -2.96 6.04
C LEU A 7 16.84 -2.42 5.61
N GLN A 8 17.71 -3.34 5.18
CA GLN A 8 18.99 -2.97 4.61
C GLN A 8 18.80 -2.09 3.35
N TYR A 9 17.82 -2.42 2.51
CA TYR A 9 17.48 -1.62 1.36
C TYR A 9 16.92 -0.19 1.76
N LEU A 10 16.01 -0.13 2.73
CA LEU A 10 15.54 1.15 3.26
C LEU A 10 16.67 2.02 3.85
N HIS A 11 17.66 1.38 4.47
CA HIS A 11 18.80 2.07 5.08
C HIS A 11 19.77 2.59 4.03
N LYS A 12 20.28 1.65 3.23
CA LYS A 12 21.46 1.87 2.39
C LYS A 12 21.15 2.41 0.99
N VAL A 13 19.94 2.15 0.49
CA VAL A 13 19.50 2.70 -0.78
C VAL A 13 18.48 3.86 -0.60
N VAL A 14 17.38 3.67 0.12
CA VAL A 14 16.31 4.69 0.20
C VAL A 14 16.69 5.86 1.11
N LYS A 16 19.70 6.67 2.14
CA LYS A 16 20.99 7.29 1.70
C LYS A 16 20.74 8.37 0.65
N ALA A 17 19.90 8.01 -0.32
CA ALA A 17 19.41 8.91 -1.36
C ALA A 17 18.62 10.17 -0.83
N LEU A 18 17.64 9.96 0.05
CA LEU A 18 16.87 11.07 0.62
C LEU A 18 17.75 12.00 1.47
N TRP A 19 18.62 11.39 2.28
CA TRP A 19 19.47 12.11 3.23
C TRP A 19 20.35 13.14 2.53
N LYS A 20 20.89 12.77 1.37
CA LYS A 20 21.83 13.58 0.60
C LYS A 20 21.14 14.61 -0.29
N HIS A 21 19.81 14.51 -0.38
CA HIS A 21 19.05 15.33 -1.27
C HIS A 21 19.14 16.80 -0.86
N GLN A 22 19.17 17.70 -1.87
CA GLN A 22 19.33 19.11 -1.62
C GLN A 22 18.15 19.67 -0.84
N PHE A 23 17.01 18.96 -0.79
CA PHE A 23 15.89 19.44 0.03
C PHE A 23 15.83 18.77 1.42
N ALA A 24 16.75 17.87 1.71
CA ALA A 24 16.72 17.12 2.95
C ALA A 24 17.00 17.86 4.25
N TRP A 25 17.80 18.92 4.18
CA TRP A 25 18.31 19.54 5.38
C TRP A 25 17.29 19.85 6.51
N PRO A 26 16.04 20.28 6.21
CA PRO A 26 15.08 20.58 7.27
C PRO A 26 14.56 19.32 7.96
N PHE A 27 14.85 18.14 7.39
CA PHE A 27 14.29 16.86 7.85
C PHE A 27 15.28 15.91 8.56
N ARG A 28 16.55 16.28 8.57
CA ARG A 28 17.63 15.42 9.09
C ARG A 28 17.67 15.32 10.60
N GLN A 29 16.99 16.20 11.29
CA GLN A 29 17.03 16.18 12.73
C GLN A 29 15.61 16.55 13.18
N PRO A 30 15.22 16.24 14.42
CA PRO A 30 13.93 16.68 14.93
C PRO A 30 13.70 18.16 14.64
N VAL A 31 12.46 18.50 14.32
CA VAL A 31 12.05 19.88 14.23
C VAL A 31 12.36 20.50 15.59
N ASP A 32 13.11 21.61 15.55
CA ASP A 32 13.44 22.39 16.77
C ASP A 32 12.47 23.53 16.87
N ALA A 33 11.48 23.40 17.75
CA ALA A 33 10.40 24.38 17.88
C ALA A 33 10.91 25.73 18.42
N VAL A 34 11.83 25.67 19.37
CA VAL A 34 12.44 26.90 19.92
C VAL A 34 13.28 27.67 18.84
N LYS A 35 14.30 27.03 18.26
CA LYS A 35 15.13 27.69 17.26
C LYS A 35 14.30 28.38 16.20
N LEU A 36 13.25 27.70 15.74
CA LEU A 36 12.50 28.14 14.57
C LEU A 36 11.31 29.07 14.84
N GLY A 37 10.99 29.26 16.11
CA GLY A 37 9.94 30.20 16.51
C GLY A 37 8.55 29.65 16.28
N LEU A 38 8.35 28.42 16.74
CA LEU A 38 7.17 27.67 16.41
C LEU A 38 6.54 27.17 17.69
N PRO A 39 5.99 28.06 18.53
CA PRO A 39 5.50 27.60 19.86
C PRO A 39 4.24 26.74 19.75
N ASP A 40 3.62 26.76 18.57
CA ASP A 40 2.48 25.88 18.39
C ASP A 40 2.81 24.46 17.79
N TYR A 41 4.08 24.17 17.54
CA TYR A 41 4.41 23.00 16.69
C TYR A 41 4.03 21.66 17.39
N HIS A 42 4.45 21.52 18.65
CA HIS A 42 4.07 20.41 19.50
C HIS A 42 2.62 20.39 19.98
N LYS A 43 1.86 21.45 19.73
CA LYS A 43 0.41 21.42 19.98
C LYS A 43 -0.40 20.79 18.86
N ILE A 44 0.15 20.87 17.66
CA ILE A 44 -0.46 20.31 16.44
C ILE A 44 0.12 18.93 16.05
N ILE A 45 1.41 18.74 16.20
CA ILE A 45 2.05 17.55 15.75
C ILE A 45 2.36 16.68 16.98
N LYS A 46 1.67 15.55 17.13
CA LYS A 46 1.76 14.79 18.38
C LYS A 46 2.82 13.69 18.35
N GLN A 47 3.17 13.33 17.13
CA GLN A 47 4.17 12.32 16.88
C GLN A 47 5.26 12.88 15.96
N PRO A 48 6.19 13.67 16.52
CA PRO A 48 7.31 14.23 15.71
C PRO A 48 8.14 13.07 15.10
N ASP A 50 11.55 12.39 12.03
CA ASP A 50 12.61 13.00 11.28
C ASP A 50 13.55 11.88 10.81
N GLY A 52 16.76 11.61 11.00
CA GLY A 52 17.76 11.31 12.00
C GLY A 52 17.33 10.11 12.83
N THR A 53 16.13 10.19 13.37
CA THR A 53 15.52 9.17 14.20
C THR A 53 15.33 7.86 13.38
N ILE A 54 14.85 7.97 12.14
CA ILE A 54 14.66 6.78 11.31
C ILE A 54 16.00 6.10 11.02
N LYS A 55 17.00 6.90 10.65
CA LYS A 55 18.33 6.38 10.37
C LYS A 55 18.91 5.61 11.61
N ARG A 56 18.95 6.27 12.75
CA ARG A 56 19.38 5.67 14.00
C ARG A 56 18.61 4.40 14.35
N ARG A 57 17.28 4.44 14.23
CA ARG A 57 16.48 3.22 14.41
C ARG A 57 16.90 2.10 13.51
N LEU A 58 17.24 2.41 12.26
CA LEU A 58 17.73 1.40 11.33
C LEU A 58 19.10 0.81 11.76
N GLU A 59 19.96 1.62 12.34
CA GLU A 59 21.31 1.18 12.72
C GLU A 59 21.26 0.37 14.03
N ASN A 60 20.25 0.64 14.86
CA ASN A 60 20.12 -0.06 16.13
C ASN A 60 19.15 -1.23 16.09
N ASN A 61 18.80 -1.71 14.90
CA ASN A 61 17.89 -2.83 14.77
C ASN A 61 16.59 -2.67 15.56
N TYR A 62 16.01 -1.47 15.54
CA TYR A 62 14.77 -1.16 16.23
C TYR A 62 13.60 -1.74 15.45
N TYR A 63 13.65 -1.69 14.11
CA TYR A 63 12.53 -2.20 13.33
C TYR A 63 12.52 -3.71 13.18
N TRP A 64 11.32 -4.30 13.27
CA TRP A 64 11.11 -5.72 13.01
C TRP A 64 10.79 -5.97 11.53
N ALA A 65 10.08 -5.03 10.87
CA ALA A 65 9.69 -5.20 9.46
C ALA A 65 9.79 -3.87 8.73
N ALA A 66 9.93 -3.94 7.41
CA ALA A 66 10.14 -2.75 6.58
C ALA A 66 8.96 -1.77 6.75
N SER A 67 7.78 -2.37 6.88
CA SER A 67 6.55 -1.62 6.87
C SER A 67 6.54 -0.65 8.04
N GLU A 68 7.10 -1.08 9.16
CA GLU A 68 7.17 -0.25 10.33
C GLU A 68 8.04 0.98 10.05
N CYS A 69 9.13 0.78 9.33
CA CYS A 69 10.02 1.84 8.92
C CYS A 69 9.37 2.77 7.88
N GLN A 71 6.25 3.43 7.62
CA GLN A 71 5.29 4.18 8.43
C GLN A 71 5.87 5.44 9.09
N ASP A 72 7.09 5.31 9.62
CA ASP A 72 7.83 6.45 10.16
C ASP A 72 8.15 7.51 9.07
N PHE A 73 8.61 7.06 7.89
CA PHE A 73 8.81 7.98 6.76
C PHE A 73 7.49 8.73 6.52
N ASN A 74 6.40 8.00 6.47
CA ASN A 74 5.12 8.60 6.18
C ASN A 74 4.67 9.63 7.22
N THR A 75 4.80 9.26 8.50
CA THR A 75 4.53 10.22 9.57
C THR A 75 5.32 11.52 9.42
N PHE A 77 6.51 12.90 6.68
CA PHE A 77 5.99 13.71 5.58
C PHE A 77 4.64 14.29 5.93
N THR A 78 3.79 13.43 6.49
CA THR A 78 2.49 13.86 6.91
C THR A 78 2.47 14.99 7.94
N ASN A 79 3.31 14.92 8.98
CA ASN A 79 3.49 16.03 9.94
C ASN A 79 3.74 17.35 9.22
N CYS A 80 4.61 17.29 8.20
CA CYS A 80 4.99 18.48 7.48
C CYS A 80 3.79 19.08 6.73
N TYR A 81 3.00 18.26 6.04
CA TYR A 81 1.84 18.77 5.30
C TYR A 81 0.79 19.30 6.24
N ILE A 82 0.57 18.61 7.39
CA ILE A 82 -0.45 19.02 8.36
C ILE A 82 -0.09 20.33 9.08
N TYR A 83 1.14 20.44 9.60
CA TYR A 83 1.49 21.61 10.37
C TYR A 83 1.65 22.86 9.50
N ASN A 84 2.48 22.79 8.45
CA ASN A 84 2.77 23.97 7.63
C ASN A 84 1.62 24.49 6.72
N LYS A 85 1.68 25.78 6.37
CA LYS A 85 0.75 26.41 5.38
C LYS A 85 0.96 25.80 3.99
N PRO A 86 -0.10 25.73 3.18
CA PRO A 86 0.00 25.18 1.79
C PRO A 86 1.07 25.89 0.95
N THR A 87 1.38 27.14 1.27
CA THR A 87 2.24 28.00 0.42
C THR A 87 3.72 27.96 0.88
N ASP A 88 3.99 27.29 1.99
CA ASP A 88 5.36 27.24 2.52
C ASP A 88 6.16 26.37 1.63
N ASP A 89 7.38 26.79 1.33
CA ASP A 89 8.36 26.01 0.59
C ASP A 89 8.63 24.62 1.15
N ILE A 90 8.60 24.45 2.48
CA ILE A 90 8.86 23.13 3.06
C ILE A 90 7.86 22.03 2.55
N VAL A 91 6.64 22.45 2.22
CA VAL A 91 5.65 21.56 1.65
C VAL A 91 6.07 21.00 0.27
N LEU A 92 6.53 21.86 -0.64
CA LEU A 92 7.19 21.39 -1.87
C LEU A 92 8.39 20.49 -1.65
N ALA A 94 9.08 18.53 1.02
CA ALA A 94 8.50 17.26 1.46
C ALA A 94 7.91 16.43 0.33
N GLN A 95 7.10 17.06 -0.54
CA GLN A 95 6.47 16.36 -1.66
C GLN A 95 7.55 15.77 -2.60
N THR A 96 8.60 16.54 -2.87
CA THR A 96 9.71 16.07 -3.74
C THR A 96 10.39 14.85 -3.10
N LEU A 97 10.73 14.99 -1.83
CA LEU A 97 11.36 13.89 -1.12
C LEU A 97 10.45 12.65 -1.10
N GLU A 98 9.16 12.90 -0.87
CA GLU A 98 8.22 11.78 -0.74
C GLU A 98 8.03 11.02 -2.05
N LYS A 99 8.07 11.71 -3.19
CA LYS A 99 8.07 11.04 -4.50
C LYS A 99 9.30 10.12 -4.72
N ILE A 100 10.50 10.56 -4.37
CA ILE A 100 11.64 9.66 -4.36
C ILE A 100 11.39 8.43 -3.43
N PHE A 101 10.94 8.68 -2.22
CA PHE A 101 10.66 7.62 -1.29
C PHE A 101 9.72 6.54 -1.93
N LEU A 102 8.66 6.97 -2.60
CA LEU A 102 7.71 6.04 -3.22
C LEU A 102 8.28 5.29 -4.42
N GLN A 103 9.01 6.03 -5.27
CA GLN A 103 9.84 5.47 -6.35
C GLN A 103 10.78 4.41 -5.82
N LYS A 104 11.53 4.71 -4.77
CA LYS A 104 12.51 3.70 -4.29
C LYS A 104 11.82 2.51 -3.60
N VAL A 105 10.72 2.77 -2.89
CA VAL A 105 9.96 1.67 -2.26
C VAL A 105 9.42 0.71 -3.33
N ALA A 106 9.08 1.25 -4.49
CA ALA A 106 8.61 0.43 -5.63
C ALA A 106 9.62 -0.61 -6.13
N SER A 107 10.92 -0.36 -5.94
CA SER A 107 12.00 -1.29 -6.30
C SER A 107 12.55 -2.06 -5.11
N PRO A 109 13.42 -5.03 -2.85
CA PRO A 109 13.50 -6.47 -3.14
C PRO A 109 12.42 -7.21 -2.36
N GLN A 110 11.71 -8.13 -3.00
CA GLN A 110 10.50 -8.62 -2.37
C GLN A 110 10.48 -10.01 -1.74
N GLU A 111 11.67 -10.62 -1.59
CA GLU A 111 11.82 -11.71 -0.63
C GLU A 111 12.04 -11.14 0.80
N GLU A 112 10.94 -10.82 1.52
CA GLU A 112 11.03 -10.28 2.89
C GLU A 112 11.69 -11.22 3.95
N GLN A 113 13.01 -11.14 4.11
CA GLN A 113 13.71 -12.12 4.97
C GLN A 113 14.96 -11.67 5.75
N GLU A 114 15.02 -12.09 7.03
CA GLU A 114 16.27 -12.45 7.75
C GLU A 114 16.10 -12.61 9.26
N GLY B 1 -2.21 -4.76 -23.93
CA GLY B 1 -1.49 -4.66 -22.61
C GLY B 1 -1.52 -6.01 -21.90
N ARG B 2 -0.58 -6.19 -20.97
CA ARG B 2 -0.47 -7.42 -20.18
C ARG B 2 -0.71 -7.21 -18.66
N VAL B 3 -0.52 -5.96 -18.19
CA VAL B 3 -0.60 -5.62 -16.76
C VAL B 3 0.56 -6.21 -15.97
N THR B 4 1.41 -5.34 -15.42
CA THR B 4 2.54 -5.84 -14.67
C THR B 4 2.06 -6.37 -13.35
N ASN B 5 2.77 -7.35 -12.79
CA ASN B 5 2.48 -7.81 -11.44
C ASN B 5 2.19 -6.64 -10.48
N GLN B 6 2.85 -5.48 -10.66
CA GLN B 6 2.73 -4.36 -9.71
C GLN B 6 1.41 -3.61 -9.82
N LEU B 7 0.97 -3.36 -11.04
CA LEU B 7 -0.31 -2.72 -11.23
C LEU B 7 -1.48 -3.68 -10.92
N GLN B 8 -1.25 -4.98 -11.10
CA GLN B 8 -2.19 -6.03 -10.76
C GLN B 8 -2.40 -6.02 -9.24
N TYR B 9 -1.28 -6.07 -8.51
CA TYR B 9 -1.27 -5.95 -7.10
C TYR B 9 -1.93 -4.61 -6.63
N LEU B 10 -1.69 -3.50 -7.31
CA LEU B 10 -2.26 -2.22 -6.86
C LEU B 10 -3.78 -2.23 -7.03
N HIS B 11 -4.21 -2.96 -8.04
CA HIS B 11 -5.60 -3.09 -8.33
C HIS B 11 -6.28 -4.11 -7.39
N LYS B 12 -5.78 -5.34 -7.38
CA LYS B 12 -6.44 -6.47 -6.75
C LYS B 12 -6.22 -6.50 -5.24
N VAL B 13 -5.12 -5.92 -4.75
CA VAL B 13 -4.85 -5.85 -3.32
C VAL B 13 -5.07 -4.45 -2.73
N VAL B 14 -4.32 -3.43 -3.17
CA VAL B 14 -4.37 -2.08 -2.56
C VAL B 14 -5.73 -1.38 -2.76
N LYS B 16 -8.52 -2.75 -3.86
CA LYS B 16 -9.50 -3.66 -3.27
C LYS B 16 -9.74 -3.25 -1.82
N ALA B 17 -8.69 -3.27 -0.99
CA ALA B 17 -8.86 -2.92 0.43
C ALA B 17 -9.34 -1.49 0.66
N LEU B 18 -8.84 -0.50 -0.07
CA LEU B 18 -9.19 0.91 0.23
C LEU B 18 -10.62 1.24 -0.19
N TRP B 19 -10.99 0.78 -1.39
CA TRP B 19 -12.30 1.07 -1.96
C TRP B 19 -13.46 0.73 -1.02
N LYS B 20 -13.38 -0.42 -0.34
CA LYS B 20 -14.47 -0.92 0.51
C LYS B 20 -14.32 -0.48 1.98
N HIS B 21 -13.28 0.29 2.29
CA HIS B 21 -12.98 0.59 3.67
C HIS B 21 -14.04 1.56 4.15
N GLN B 22 -14.38 1.47 5.43
CA GLN B 22 -15.43 2.29 6.02
C GLN B 22 -15.12 3.80 6.04
N PHE B 23 -13.83 4.15 5.96
CA PHE B 23 -13.43 5.57 5.88
C PHE B 23 -13.35 6.07 4.43
N ALA B 24 -13.66 5.20 3.47
CA ALA B 24 -13.36 5.51 2.05
C ALA B 24 -14.32 6.50 1.41
N TRP B 25 -15.53 6.61 1.93
CA TRP B 25 -16.60 7.34 1.20
C TRP B 25 -16.27 8.81 0.78
N PRO B 26 -15.60 9.64 1.62
CA PRO B 26 -15.18 10.99 1.17
C PRO B 26 -14.17 11.02 0.01
N PHE B 27 -13.61 9.88 -0.36
CA PHE B 27 -12.50 9.83 -1.29
C PHE B 27 -12.88 9.18 -2.58
N ARG B 28 -14.11 8.70 -2.64
CA ARG B 28 -14.51 7.79 -3.73
C ARG B 28 -14.78 8.52 -5.03
N GLN B 29 -15.02 9.83 -4.94
CA GLN B 29 -15.35 10.70 -6.06
C GLN B 29 -14.62 12.03 -5.86
N PRO B 30 -14.42 12.82 -6.93
CA PRO B 30 -13.72 14.09 -6.81
C PRO B 30 -14.36 14.95 -5.73
N VAL B 31 -13.55 15.68 -4.96
CA VAL B 31 -14.10 16.62 -3.98
C VAL B 31 -15.04 17.58 -4.75
N ASP B 32 -16.28 17.63 -4.27
CA ASP B 32 -17.25 18.54 -4.87
C ASP B 32 -17.34 19.80 -4.00
N ALA B 33 -16.59 20.82 -4.42
CA ALA B 33 -16.45 22.04 -3.64
C ALA B 33 -17.75 22.82 -3.48
N VAL B 34 -18.64 22.71 -4.48
CA VAL B 34 -19.96 23.34 -4.39
C VAL B 34 -20.84 22.65 -3.34
N LYS B 35 -20.97 21.32 -3.43
CA LYS B 35 -21.73 20.52 -2.46
C LYS B 35 -21.18 20.76 -1.05
N LEU B 36 -19.86 20.77 -0.88
CA LEU B 36 -19.26 20.92 0.46
C LEU B 36 -19.04 22.37 1.00
N GLY B 37 -19.42 23.39 0.24
CA GLY B 37 -19.28 24.78 0.69
C GLY B 37 -17.83 25.18 0.83
N LEU B 38 -17.04 24.88 -0.20
CA LEU B 38 -15.59 24.94 -0.11
C LEU B 38 -15.03 25.81 -1.22
N PRO B 39 -15.33 27.12 -1.21
CA PRO B 39 -14.98 28.02 -2.36
C PRO B 39 -13.46 28.22 -2.55
N ASP B 40 -12.70 28.05 -1.45
CA ASP B 40 -11.23 28.03 -1.51
C ASP B 40 -10.58 26.74 -2.01
N TYR B 41 -11.32 25.65 -2.22
CA TYR B 41 -10.68 24.33 -2.44
C TYR B 41 -9.73 24.28 -3.63
N HIS B 42 -10.22 24.72 -4.78
CA HIS B 42 -9.45 24.70 -6.02
C HIS B 42 -8.38 25.78 -6.10
N LYS B 43 -8.50 26.80 -5.24
CA LYS B 43 -7.42 27.73 -5.04
C LYS B 43 -6.21 27.04 -4.37
N ILE B 44 -6.44 26.13 -3.42
CA ILE B 44 -5.33 25.50 -2.68
C ILE B 44 -4.83 24.21 -3.34
N ILE B 45 -5.76 23.39 -3.82
CA ILE B 45 -5.45 22.10 -4.40
C ILE B 45 -5.52 22.25 -5.92
N LYS B 46 -4.39 22.13 -6.59
CA LYS B 46 -4.30 22.32 -8.05
C LYS B 46 -4.34 21.00 -8.82
N GLN B 47 -4.10 19.90 -8.13
CA GLN B 47 -4.21 18.61 -8.71
C GLN B 47 -5.16 17.71 -7.88
N PRO B 48 -6.48 17.92 -8.01
CA PRO B 48 -7.44 17.08 -7.28
C PRO B 48 -7.19 15.59 -7.64
N ASP B 50 -8.71 11.37 -6.45
CA ASP B 50 -9.73 10.62 -5.75
C ASP B 50 -9.64 9.14 -6.21
N GLY B 52 -12.03 7.05 -7.24
CA GLY B 52 -12.77 6.77 -8.47
C GLY B 52 -11.90 6.94 -9.71
N THR B 53 -11.24 8.09 -9.83
CA THR B 53 -10.25 8.33 -10.86
C THR B 53 -9.17 7.24 -10.88
N ILE B 54 -8.56 6.89 -9.75
CA ILE B 54 -7.49 5.92 -9.79
C ILE B 54 -8.03 4.52 -10.15
N LYS B 55 -9.21 4.17 -9.60
CA LYS B 55 -9.84 2.87 -9.84
C LYS B 55 -10.15 2.75 -11.35
N ARG B 56 -10.74 3.79 -11.92
CA ARG B 56 -11.03 3.79 -13.34
C ARG B 56 -9.73 3.65 -14.14
N ARG B 57 -8.70 4.42 -13.79
CA ARG B 57 -7.40 4.27 -14.43
C ARG B 57 -6.79 2.87 -14.38
N LEU B 58 -6.87 2.21 -13.22
CA LEU B 58 -6.41 0.83 -13.07
C LEU B 58 -7.22 -0.19 -13.92
N GLU B 59 -8.49 0.13 -14.14
CA GLU B 59 -9.41 -0.73 -14.87
C GLU B 59 -9.18 -0.57 -16.38
N ASN B 60 -8.88 0.66 -16.84
CA ASN B 60 -8.61 0.95 -18.26
C ASN B 60 -7.13 0.94 -18.68
N ASN B 61 -6.26 0.38 -17.84
CA ASN B 61 -4.83 0.29 -18.17
C ASN B 61 -4.26 1.67 -18.60
N TYR B 62 -4.63 2.73 -17.88
CA TYR B 62 -4.12 4.09 -18.15
C TYR B 62 -2.64 4.19 -17.75
N TYR B 63 -2.24 3.42 -16.72
CA TYR B 63 -0.90 3.50 -16.16
C TYR B 63 0.19 2.64 -16.86
N TRP B 64 1.39 3.20 -17.01
CA TRP B 64 2.60 2.54 -17.52
C TRP B 64 3.47 1.86 -16.42
N ALA B 65 3.59 2.51 -15.27
CA ALA B 65 4.29 1.90 -14.14
C ALA B 65 3.50 2.03 -12.83
N ALA B 66 3.77 1.14 -11.88
CA ALA B 66 3.17 1.20 -10.53
C ALA B 66 3.38 2.59 -9.90
N SER B 67 4.59 3.10 -10.05
CA SER B 67 5.06 4.32 -9.37
C SER B 67 4.15 5.50 -9.71
N GLU B 68 3.47 5.39 -10.84
CA GLU B 68 2.61 6.46 -11.31
C GLU B 68 1.20 6.42 -10.70
N CYS B 69 0.66 5.22 -10.57
CA CYS B 69 -0.49 4.94 -9.71
C CYS B 69 -0.22 5.31 -8.24
N GLN B 71 1.87 7.46 -6.97
CA GLN B 71 1.89 8.91 -6.87
C GLN B 71 0.48 9.49 -6.76
N ASP B 72 -0.45 8.97 -7.57
CA ASP B 72 -1.84 9.42 -7.51
C ASP B 72 -2.43 9.14 -6.11
N PHE B 73 -2.26 7.93 -5.55
CA PHE B 73 -2.63 7.66 -4.14
C PHE B 73 -2.03 8.70 -3.22
N ASN B 74 -0.71 8.95 -3.35
CA ASN B 74 -0.04 9.97 -2.55
C ASN B 74 -0.61 11.40 -2.67
N THR B 75 -0.86 11.85 -3.88
CA THR B 75 -1.46 13.17 -4.11
C THR B 75 -2.83 13.32 -3.44
N PHE B 77 -3.97 11.75 -0.80
CA PHE B 77 -3.78 11.86 0.66
C PHE B 77 -3.16 13.22 1.08
N THR B 78 -2.14 13.63 0.35
CA THR B 78 -1.50 14.94 0.53
C THR B 78 -2.38 16.17 0.32
N ASN B 79 -3.21 16.17 -0.74
CA ASN B 79 -4.26 17.18 -0.89
C ASN B 79 -5.04 17.37 0.39
N CYS B 80 -5.46 16.24 0.97
CA CYS B 80 -6.32 16.22 2.10
C CYS B 80 -5.59 16.82 3.30
N TYR B 81 -4.35 16.43 3.56
CA TYR B 81 -3.63 17.03 4.69
C TYR B 81 -3.34 18.52 4.49
N ILE B 82 -3.06 18.93 3.24
CA ILE B 82 -2.74 20.32 2.95
C ILE B 82 -3.97 21.25 3.05
N TYR B 83 -5.09 20.88 2.44
CA TYR B 83 -6.28 21.73 2.47
C TYR B 83 -6.98 21.82 3.86
N ASN B 84 -7.16 20.66 4.49
CA ASN B 84 -8.00 20.55 5.71
C ASN B 84 -7.25 20.98 6.98
N LYS B 85 -8.03 21.38 7.97
CA LYS B 85 -7.49 21.72 9.31
C LYS B 85 -6.97 20.47 9.96
N PRO B 86 -5.87 20.54 10.71
CA PRO B 86 -5.30 19.36 11.38
C PRO B 86 -6.33 18.58 12.22
N THR B 87 -7.34 19.28 12.76
CA THR B 87 -8.31 18.69 13.72
C THR B 87 -9.52 18.05 13.00
N ASP B 88 -9.59 18.19 11.68
CA ASP B 88 -10.72 17.66 10.91
C ASP B 88 -10.73 16.15 10.94
N ASP B 89 -11.89 15.55 11.09
CA ASP B 89 -12.02 14.07 10.97
C ASP B 89 -11.47 13.49 9.65
N ILE B 90 -11.70 14.19 8.54
CA ILE B 90 -11.17 13.76 7.25
C ILE B 90 -9.64 13.48 7.31
N VAL B 91 -8.92 14.25 8.12
CA VAL B 91 -7.48 14.06 8.25
C VAL B 91 -7.17 12.69 8.87
N LEU B 92 -7.88 12.36 9.93
CA LEU B 92 -7.73 11.09 10.59
C LEU B 92 -8.13 9.94 9.67
N ALA B 94 -8.01 9.91 6.28
CA ALA B 94 -6.92 9.81 5.32
C ALA B 94 -5.68 9.16 5.91
N GLN B 95 -5.31 9.51 7.13
CA GLN B 95 -4.15 8.89 7.75
C GLN B 95 -4.34 7.38 7.90
N THR B 96 -5.56 6.95 8.20
CA THR B 96 -5.86 5.53 8.35
C THR B 96 -5.83 4.80 7.02
N LEU B 97 -6.41 5.41 6.00
CA LEU B 97 -6.37 4.84 4.67
C LEU B 97 -4.94 4.80 4.17
N GLU B 98 -4.15 5.82 4.47
CA GLU B 98 -2.77 5.85 3.96
C GLU B 98 -1.89 4.80 4.59
N LYS B 99 -2.13 4.50 5.86
CA LYS B 99 -1.36 3.43 6.54
C LYS B 99 -1.60 2.09 5.89
N ILE B 100 -2.86 1.84 5.53
CA ILE B 100 -3.17 0.62 4.79
C ILE B 100 -2.49 0.59 3.44
N PHE B 101 -2.57 1.70 2.69
CA PHE B 101 -1.85 1.85 1.42
C PHE B 101 -0.36 1.45 1.61
N LEU B 102 0.29 1.98 2.62
CA LEU B 102 1.71 1.71 2.80
C LEU B 102 2.01 0.28 3.27
N GLN B 103 1.18 -0.23 4.19
CA GLN B 103 1.26 -1.63 4.61
C GLN B 103 1.24 -2.53 3.41
N LYS B 104 0.27 -2.33 2.52
CA LYS B 104 0.16 -3.19 1.37
C LYS B 104 1.29 -2.97 0.40
N VAL B 105 1.68 -1.71 0.20
CA VAL B 105 2.71 -1.45 -0.76
C VAL B 105 4.03 -2.09 -0.25
N ALA B 106 4.17 -2.29 1.07
CA ALA B 106 5.34 -3.01 1.62
C ALA B 106 5.50 -4.43 1.04
N SER B 107 4.40 -5.00 0.53
CA SER B 107 4.41 -6.38 0.00
C SER B 107 4.19 -6.42 -1.47
N PRO B 109 4.94 -6.90 -5.18
CA PRO B 109 6.02 -7.62 -5.89
C PRO B 109 7.07 -6.65 -6.45
N GLN B 110 8.23 -7.21 -6.80
CA GLN B 110 9.25 -6.50 -7.58
C GLN B 110 8.69 -6.17 -8.95
N GLU B 111 9.23 -5.14 -9.57
CA GLU B 111 8.91 -4.81 -10.97
C GLU B 111 9.60 -5.87 -11.83
N GLU B 112 9.11 -6.05 -13.06
CA GLU B 112 9.79 -6.89 -14.06
C GLU B 112 9.69 -8.40 -13.74
N THR C 4 -15.95 -35.15 9.18
CA THR C 4 -15.57 -33.90 8.42
C THR C 4 -14.54 -33.13 9.22
N ASN C 5 -13.90 -33.80 10.19
CA ASN C 5 -12.75 -33.22 10.85
C ASN C 5 -11.70 -32.75 9.81
N GLN C 6 -11.49 -33.55 8.77
CA GLN C 6 -10.50 -33.24 7.75
C GLN C 6 -10.87 -31.94 7.00
N LEU C 7 -12.12 -31.85 6.57
CA LEU C 7 -12.63 -30.71 5.83
C LEU C 7 -12.59 -29.47 6.69
N GLN C 8 -12.81 -29.64 7.99
CA GLN C 8 -12.85 -28.49 8.89
C GLN C 8 -11.43 -27.96 9.05
N TYR C 9 -10.48 -28.88 9.10
CA TYR C 9 -9.07 -28.53 9.20
C TYR C 9 -8.55 -27.88 7.90
N LEU C 10 -8.99 -28.34 6.74
CA LEU C 10 -8.67 -27.67 5.46
C LEU C 10 -9.15 -26.21 5.44
N HIS C 11 -10.30 -25.98 6.08
CA HIS C 11 -10.96 -24.66 6.12
C HIS C 11 -10.33 -23.75 7.18
N LYS C 12 -10.31 -24.24 8.43
CA LYS C 12 -9.95 -23.49 9.60
C LYS C 12 -8.46 -23.35 9.76
N VAL C 13 -7.69 -24.26 9.20
CA VAL C 13 -6.25 -24.17 9.38
C VAL C 13 -5.50 -23.93 8.07
N VAL C 14 -5.80 -24.72 7.04
CA VAL C 14 -5.03 -24.62 5.79
C VAL C 14 -5.40 -23.37 5.00
N LYS C 16 -7.16 -20.68 6.01
CA LYS C 16 -6.91 -19.51 6.87
C LYS C 16 -5.47 -18.99 6.69
N ALA C 17 -4.51 -19.93 6.72
CA ALA C 17 -3.10 -19.63 6.51
C ALA C 17 -2.79 -19.25 5.06
N LEU C 18 -3.33 -19.99 4.09
CA LEU C 18 -3.04 -19.68 2.68
C LEU C 18 -3.70 -18.40 2.20
N TRP C 19 -4.92 -18.15 2.67
CA TRP C 19 -5.68 -16.97 2.28
C TRP C 19 -4.97 -15.64 2.66
N LYS C 20 -4.36 -15.55 3.84
CA LYS C 20 -3.74 -14.29 4.28
C LYS C 20 -2.27 -14.15 3.96
N HIS C 21 -1.70 -15.21 3.37
CA HIS C 21 -0.29 -15.17 3.03
C HIS C 21 -0.09 -14.08 1.95
N GLN C 22 1.01 -13.34 2.02
CA GLN C 22 1.26 -12.28 1.05
C GLN C 22 1.43 -12.80 -0.37
N PHE C 23 1.71 -14.08 -0.53
CA PHE C 23 1.82 -14.63 -1.87
C PHE C 23 0.47 -15.02 -2.46
N ALA C 24 -0.58 -15.04 -1.65
CA ALA C 24 -1.92 -15.44 -2.14
C ALA C 24 -2.58 -14.53 -3.18
N TRP C 25 -2.12 -13.29 -3.34
CA TRP C 25 -2.88 -12.32 -4.13
C TRP C 25 -3.25 -12.71 -5.59
N PRO C 26 -2.34 -13.37 -6.33
CA PRO C 26 -2.66 -13.73 -7.71
C PRO C 26 -3.67 -14.90 -7.74
N PHE C 27 -3.97 -15.50 -6.57
CA PHE C 27 -4.81 -16.71 -6.49
C PHE C 27 -6.19 -16.59 -5.86
N ARG C 28 -6.46 -15.46 -5.21
CA ARG C 28 -7.70 -15.23 -4.47
C ARG C 28 -8.95 -15.11 -5.36
N GLN C 29 -8.74 -14.88 -6.65
CA GLN C 29 -9.86 -14.76 -7.58
C GLN C 29 -9.47 -15.44 -8.89
N PRO C 30 -10.47 -15.87 -9.67
CA PRO C 30 -10.22 -16.59 -10.93
C PRO C 30 -9.37 -15.76 -11.86
N VAL C 31 -8.49 -16.40 -12.61
CA VAL C 31 -7.75 -15.70 -13.66
C VAL C 31 -8.75 -15.03 -14.62
N ASP C 32 -8.66 -13.71 -14.79
CA ASP C 32 -9.46 -13.05 -15.83
C ASP C 32 -8.62 -12.87 -17.11
N ALA C 33 -8.85 -13.77 -18.09
CA ALA C 33 -8.02 -13.78 -19.32
C ALA C 33 -8.21 -12.49 -20.16
N VAL C 34 -9.44 -11.94 -20.15
CA VAL C 34 -9.69 -10.70 -20.87
C VAL C 34 -8.94 -9.48 -20.27
N LYS C 35 -9.07 -9.23 -18.96
CA LYS C 35 -8.43 -8.07 -18.31
C LYS C 35 -6.92 -8.17 -18.15
N LEU C 36 -6.45 -9.39 -17.82
CA LEU C 36 -5.02 -9.69 -17.67
C LEU C 36 -4.38 -9.80 -19.04
N GLY C 37 -5.20 -9.61 -20.09
CA GLY C 37 -4.77 -9.70 -21.48
C GLY C 37 -4.07 -11.00 -21.88
N LEU C 38 -4.67 -12.14 -21.50
CA LEU C 38 -4.12 -13.48 -21.78
C LEU C 38 -5.00 -14.28 -22.73
N PRO C 39 -5.08 -13.91 -24.03
CA PRO C 39 -5.96 -14.64 -25.00
C PRO C 39 -5.84 -16.16 -25.05
N ASP C 40 -4.66 -16.74 -24.79
CA ASP C 40 -4.48 -18.19 -24.89
C ASP C 40 -4.76 -18.97 -23.59
N TYR C 41 -5.11 -18.26 -22.50
CA TYR C 41 -5.17 -18.89 -21.17
C TYR C 41 -6.08 -20.12 -21.08
N HIS C 42 -7.31 -19.97 -21.54
CA HIS C 42 -8.31 -21.03 -21.50
C HIS C 42 -8.14 -22.03 -22.63
N LYS C 43 -7.38 -21.70 -23.66
CA LYS C 43 -6.88 -22.70 -24.61
C LYS C 43 -5.87 -23.69 -23.97
N ILE C 44 -5.05 -23.18 -23.05
CA ILE C 44 -4.02 -24.02 -22.42
C ILE C 44 -4.50 -24.68 -21.13
N ILE C 45 -5.15 -23.89 -20.28
CA ILE C 45 -5.70 -24.37 -19.04
C ILE C 45 -7.15 -24.80 -19.20
N LYS C 46 -7.37 -26.12 -19.07
CA LYS C 46 -8.69 -26.72 -19.23
C LYS C 46 -9.61 -26.60 -18.01
N GLN C 47 -9.02 -26.63 -16.82
CA GLN C 47 -9.73 -26.51 -15.52
C GLN C 47 -9.25 -25.35 -14.66
N PRO C 48 -9.77 -24.16 -14.86
CA PRO C 48 -9.45 -23.04 -13.97
C PRO C 48 -9.79 -23.32 -12.51
N ASP C 50 -9.12 -21.39 -8.37
CA ASP C 50 -8.59 -20.27 -7.62
C ASP C 50 -8.97 -20.46 -6.15
N GLY C 52 -10.47 -18.30 -4.12
CA GLY C 52 -11.83 -17.82 -3.84
C GLY C 52 -12.92 -18.88 -4.05
N THR C 53 -12.83 -19.65 -5.13
CA THR C 53 -13.72 -20.79 -5.34
C THR C 53 -13.52 -21.83 -4.26
N ILE C 54 -12.30 -22.14 -3.86
CA ILE C 54 -12.12 -23.17 -2.84
C ILE C 54 -12.68 -22.78 -1.48
N LYS C 55 -12.44 -21.53 -1.09
CA LYS C 55 -12.91 -21.00 0.18
C LYS C 55 -14.44 -20.99 0.19
N ARG C 56 -15.06 -20.43 -0.86
CA ARG C 56 -16.51 -20.50 -1.03
C ARG C 56 -17.04 -21.94 -0.93
N ARG C 57 -16.28 -22.88 -1.48
CA ARG C 57 -16.74 -24.27 -1.42
C ARG C 57 -16.63 -24.88 -0.02
N LEU C 58 -15.58 -24.52 0.70
CA LEU C 58 -15.46 -24.94 2.09
C LEU C 58 -16.52 -24.32 2.97
N GLU C 59 -16.87 -23.06 2.71
CA GLU C 59 -17.84 -22.34 3.53
C GLU C 59 -19.23 -22.96 3.38
N ASN C 60 -19.51 -23.46 2.18
CA ASN C 60 -20.80 -24.00 1.81
C ASN C 60 -20.94 -25.52 1.78
N ASN C 61 -19.97 -26.23 2.36
CA ASN C 61 -19.98 -27.70 2.44
C ASN C 61 -20.04 -28.42 1.13
N TYR C 62 -19.54 -27.78 0.09
CA TYR C 62 -19.55 -28.35 -1.24
C TYR C 62 -18.78 -29.70 -1.26
N TYR C 63 -17.65 -29.79 -0.56
CA TYR C 63 -16.79 -30.98 -0.77
C TYR C 63 -17.32 -32.26 -0.14
N TRP C 64 -17.13 -33.37 -0.86
CA TRP C 64 -17.60 -34.71 -0.47
C TRP C 64 -16.50 -35.29 0.46
N ALA C 65 -15.23 -35.01 0.12
CA ALA C 65 -14.09 -35.51 0.91
C ALA C 65 -12.89 -34.56 0.85
N ALA C 66 -12.04 -34.57 1.88
CA ALA C 66 -10.82 -33.77 1.93
C ALA C 66 -10.10 -33.84 0.61
N SER C 67 -9.93 -35.04 0.07
CA SER C 67 -9.20 -35.26 -1.19
C SER C 67 -9.67 -34.38 -2.35
N GLU C 68 -10.95 -34.12 -2.42
CA GLU C 68 -11.52 -33.30 -3.50
C GLU C 68 -11.01 -31.86 -3.44
N CYS C 69 -11.07 -31.29 -2.24
CA CYS C 69 -10.46 -30.03 -1.92
C CYS C 69 -8.93 -30.01 -2.17
N GLN C 71 -7.28 -31.74 -4.13
CA GLN C 71 -7.23 -31.76 -5.57
C GLN C 71 -7.51 -30.39 -6.22
N ASP C 72 -8.41 -29.62 -5.65
CA ASP C 72 -8.62 -28.28 -6.21
C ASP C 72 -7.38 -27.37 -5.96
N PHE C 73 -6.81 -27.49 -4.78
CA PHE C 73 -5.57 -26.74 -4.49
C PHE C 73 -4.49 -27.14 -5.47
N ASN C 74 -4.41 -28.44 -5.70
CA ASN C 74 -3.39 -28.95 -6.61
C ASN C 74 -3.57 -28.46 -8.03
N THR C 75 -4.80 -28.46 -8.49
CA THR C 75 -5.10 -27.97 -9.82
C THR C 75 -4.72 -26.49 -9.97
N PHE C 77 -2.47 -24.73 -8.33
CA PHE C 77 -1.03 -24.69 -8.46
C PHE C 77 -0.44 -25.15 -9.82
N THR C 78 -0.89 -26.29 -10.30
CA THR C 78 -0.44 -26.89 -11.54
C THR C 78 -0.76 -25.98 -12.71
N ASN C 79 -1.96 -25.38 -12.69
CA ASN C 79 -2.33 -24.43 -13.75
C ASN C 79 -1.27 -23.34 -13.83
N CYS C 80 -0.89 -22.79 -12.67
CA CYS C 80 0.11 -21.75 -12.64
C CYS C 80 1.46 -22.21 -13.25
N TYR C 81 1.94 -23.38 -12.82
CA TYR C 81 3.21 -23.90 -13.36
C TYR C 81 3.19 -24.14 -14.85
N ILE C 82 2.08 -24.70 -15.34
CA ILE C 82 1.96 -25.07 -16.73
C ILE C 82 1.90 -23.79 -17.57
N TYR C 83 1.18 -22.79 -17.09
CA TYR C 83 0.89 -21.63 -17.96
C TYR C 83 1.99 -20.57 -17.95
N ASN C 84 2.43 -20.22 -16.75
CA ASN C 84 3.36 -19.09 -16.60
C ASN C 84 4.79 -19.42 -17.07
N LYS C 85 5.55 -18.41 -17.45
CA LYS C 85 7.00 -18.61 -17.75
C LYS C 85 7.73 -19.08 -16.47
N PRO C 86 8.73 -19.95 -16.59
CA PRO C 86 9.46 -20.45 -15.41
C PRO C 86 10.09 -19.36 -14.57
N THR C 87 10.32 -18.20 -15.17
CA THR C 87 10.90 -17.06 -14.47
C THR C 87 9.92 -16.08 -13.81
N ASP C 88 8.64 -16.06 -14.25
CA ASP C 88 7.64 -15.17 -13.62
C ASP C 88 7.66 -15.40 -12.10
N ASP C 89 7.51 -14.34 -11.32
CA ASP C 89 7.51 -14.41 -9.84
C ASP C 89 6.32 -15.15 -9.27
N ILE C 90 5.22 -15.19 -10.02
CA ILE C 90 4.04 -16.00 -9.66
C ILE C 90 4.34 -17.52 -9.46
N VAL C 91 5.20 -18.08 -10.30
CA VAL C 91 5.65 -19.47 -10.13
C VAL C 91 6.28 -19.73 -8.75
N LEU C 92 7.18 -18.84 -8.34
CA LEU C 92 7.86 -18.90 -7.07
C LEU C 92 6.87 -18.82 -5.94
N ALA C 94 3.68 -19.55 -6.06
CA ALA C 94 2.94 -20.81 -6.09
C ALA C 94 3.76 -21.93 -5.39
N GLN C 95 5.06 -22.02 -5.69
CA GLN C 95 5.93 -22.99 -4.99
C GLN C 95 5.91 -22.76 -3.50
N THR C 96 6.04 -21.50 -3.10
CA THR C 96 5.97 -21.18 -1.71
C THR C 96 4.64 -21.58 -1.08
N LEU C 97 3.52 -21.24 -1.72
CA LEU C 97 2.20 -21.63 -1.19
C LEU C 97 1.98 -23.15 -1.15
N GLU C 98 2.41 -23.82 -2.23
CA GLU C 98 2.22 -25.25 -2.32
C GLU C 98 2.92 -26.01 -1.21
N LYS C 99 4.16 -25.59 -0.90
CA LYS C 99 4.91 -26.19 0.20
C LYS C 99 4.20 -26.07 1.56
N ILE C 100 3.69 -24.90 1.89
CA ILE C 100 2.98 -24.73 3.15
C ILE C 100 1.74 -25.64 3.07
N PHE C 101 1.03 -25.58 1.96
CA PHE C 101 -0.11 -26.48 1.75
C PHE C 101 0.21 -27.96 2.08
N LEU C 102 1.28 -28.50 1.48
CA LEU C 102 1.65 -29.87 1.77
C LEU C 102 2.07 -30.12 3.22
N GLN C 103 2.87 -29.23 3.78
CA GLN C 103 3.23 -29.26 5.19
C GLN C 103 2.00 -29.35 6.09
N LYS C 104 0.98 -28.57 5.79
CA LYS C 104 -0.20 -28.61 6.61
C LYS C 104 -1.04 -29.84 6.34
N VAL C 105 -1.18 -30.23 5.06
CA VAL C 105 -1.85 -31.48 4.77
C VAL C 105 -1.25 -32.62 5.58
N ALA C 106 0.06 -32.56 5.85
CA ALA C 106 0.76 -33.63 6.58
C ALA C 106 0.35 -33.77 8.07
N SER C 107 -0.22 -32.70 8.64
CA SER C 107 -0.69 -32.76 10.04
C SER C 107 -2.23 -32.79 10.16
N PRO C 109 -5.98 -34.18 10.59
CA PRO C 109 -6.46 -35.21 11.54
C PRO C 109 -6.58 -36.63 10.97
N GLN C 110 -7.32 -36.79 9.88
CA GLN C 110 -7.70 -38.12 9.36
C GLN C 110 -8.84 -38.82 10.12
N LYS D 8 -4.10 25.19 13.80
CA LYS D 8 -4.41 24.90 12.37
C LYS D 8 -3.24 25.29 11.45
N GLY D 9 -2.05 25.35 12.06
CA GLY D 9 -0.76 25.61 11.45
C GLY D 9 -0.23 26.89 12.03
N LEU D 10 1.06 27.20 11.84
CA LEU D 10 1.64 28.57 11.79
C LEU D 10 2.77 28.66 10.69
N GLY D 11 3.49 27.56 10.50
CA GLY D 11 4.32 27.39 9.30
C GLY D 11 5.74 27.90 9.26
N GLY D 13 7.38 29.31 6.22
CA GLY D 13 7.77 30.41 5.33
C GLY D 13 7.45 30.27 3.85
N GLY D 14 6.84 31.32 3.29
CA GLY D 14 6.04 31.26 2.07
C GLY D 14 6.47 31.96 0.80
N ALA D 15 6.13 31.32 -0.32
CA ALA D 15 6.82 31.47 -1.61
C ALA D 15 6.10 30.68 -2.73
N GLY E 6 -2.48 29.06 2.04
CA GLY E 6 -1.45 29.47 3.03
C GLY E 6 -2.01 30.49 4.01
N GLY E 7 -2.76 30.05 5.02
CA GLY E 7 -2.76 28.68 5.51
C GLY E 7 -3.93 27.78 5.21
N LYS E 8 -4.29 26.98 6.22
CA LYS E 8 -5.09 25.76 6.02
C LYS E 8 -6.52 26.06 5.64
N GLY E 9 -6.75 26.27 4.35
CA GLY E 9 -8.07 26.44 3.77
C GLY E 9 -9.16 26.88 4.72
N LEU E 10 -10.05 25.96 5.04
CA LEU E 10 -11.26 26.25 5.77
C LEU E 10 -11.68 24.91 6.36
N GLY E 11 -11.54 23.88 5.54
CA GLY E 11 -11.69 22.52 6.02
C GLY E 11 -13.09 21.95 5.94
N GLY E 13 -14.45 19.87 8.75
CA GLY E 13 -15.15 19.76 10.04
C GLY E 13 -14.57 18.83 11.13
N GLY E 14 -14.59 19.32 12.38
CA GLY E 14 -13.73 18.82 13.46
C GLY E 14 -14.23 18.14 14.74
N ALA E 15 -13.30 17.45 15.45
CA ALA E 15 -13.65 16.38 16.41
C ALA E 15 -12.43 15.75 17.13
#